data_2VXB
#
_entry.id   2VXB
#
_cell.length_a   56.887
_cell.length_b   73.733
_cell.length_c   66.772
_cell.angle_alpha   90.00
_cell.angle_beta   110.98
_cell.angle_gamma   90.00
#
_symmetry.space_group_name_H-M   'P 1 21 1'
#
loop_
_entity.id
_entity.type
_entity.pdbx_description
1 polymer 'DNA REPAIR PROTEIN RHP9'
2 non-polymer 'PRASEODYMIUM ION'
3 water water
#
_entity_poly.entity_id   1
_entity_poly.type   'polypeptide(L)'
_entity_poly.pdbx_seq_one_letter_code
;LIFDDCVFAFSGPVHEDAYDRSALETVVQDHGGLVLDTGLRPLFNDPFKSKQKKLRHLKPQKRSKSWNQAFVVSDTFSRK
VKYLEALAFNIPCVHPQFIKQCLKMNRVVDFSPYLLASGYSHRLDCTLSQRIEPFDTTDSLYDRLLARKGPLFGKKILFI
IPEAKSWQKKIENTEQGQKALAHVYHALALGADVEIRPNVAHLECDLILTMDGNIVDETNCPVVDPEWIVECLISQSDIS
T
;
_entity_poly.pdbx_strand_id   A,B
#
loop_
_chem_comp.id
_chem_comp.type
_chem_comp.name
_chem_comp.formula
PR non-polymer 'PRASEODYMIUM ION' 'Pr 3'
#
# COMPACT_ATOMS: atom_id res chain seq x y z
N LEU A 1 27.33 3.56 -12.11
CA LEU A 1 26.81 3.72 -10.75
C LEU A 1 25.30 3.49 -10.70
N ILE A 2 24.89 2.45 -9.97
CA ILE A 2 23.49 2.03 -9.94
C ILE A 2 22.52 3.17 -9.59
N PHE A 3 22.85 3.91 -8.55
CA PHE A 3 21.94 4.92 -8.00
C PHE A 3 22.21 6.32 -8.55
N ASP A 4 23.00 6.40 -9.62
CA ASP A 4 23.41 7.68 -10.19
C ASP A 4 22.27 8.70 -10.31
N ASP A 5 21.06 8.23 -10.61
CA ASP A 5 19.92 9.13 -10.79
C ASP A 5 18.91 9.06 -9.66
N CYS A 6 19.30 8.49 -8.54
CA CYS A 6 18.41 8.38 -7.41
C CYS A 6 18.81 9.32 -6.30
N VAL A 7 17.80 9.97 -5.70
CA VAL A 7 17.96 10.72 -4.46
C VAL A 7 17.38 9.90 -3.31
N PHE A 8 18.11 9.78 -2.20
CA PHE A 8 17.65 9.04 -1.04
C PHE A 8 17.66 9.95 0.16
N ALA A 9 16.60 9.91 0.96
CA ALA A 9 16.67 10.44 2.32
C ALA A 9 16.60 9.25 3.25
N PHE A 10 17.11 9.38 4.47
CA PHE A 10 17.04 8.30 5.44
C PHE A 10 16.36 8.76 6.72
N SER A 11 15.41 7.95 7.19
CA SER A 11 14.70 8.27 8.41
C SER A 11 14.92 7.17 9.45
N GLY A 12 14.85 7.52 10.73
CA GLY A 12 15.04 6.55 11.79
C GLY A 12 16.49 6.11 11.96
N PRO A 13 16.71 4.85 12.35
CA PRO A 13 15.69 3.80 12.46
C PRO A 13 14.60 4.14 13.47
N VAL A 14 13.46 3.48 13.35
CA VAL A 14 12.35 3.70 14.26
C VAL A 14 12.57 2.84 15.50
N HIS A 15 13.10 1.64 15.28
CA HIS A 15 13.43 0.76 16.37
C HIS A 15 14.94 0.65 16.51
N GLU A 16 15.42 0.64 17.75
CA GLU A 16 16.87 0.63 17.99
C GLU A 16 17.56 -0.41 17.12
N ASP A 17 18.44 0.06 16.25
CA ASP A 17 19.30 -0.82 15.46
C ASP A 17 18.59 -1.64 14.39
N ALA A 18 17.39 -1.21 13.99
CA ALA A 18 16.64 -1.92 12.95
C ALA A 18 17.48 -2.02 11.68
N TYR A 19 18.24 -0.97 11.40
CA TYR A 19 19.21 -1.05 10.31
C TYR A 19 20.40 -0.13 10.54
N ASP A 20 21.45 -0.36 9.76
CA ASP A 20 22.67 0.42 9.90
C ASP A 20 22.66 1.62 8.97
N ARG A 21 22.03 2.70 9.41
CA ARG A 21 21.86 3.88 8.58
C ARG A 21 23.17 4.38 7.94
N SER A 22 24.14 4.75 8.76
CA SER A 22 25.41 5.24 8.23
C SER A 22 26.01 4.29 7.19
N ALA A 23 25.98 3.00 7.45
CA ALA A 23 26.50 2.04 6.48
C ALA A 23 25.71 2.12 5.18
N LEU A 24 24.39 2.25 5.30
CA LEU A 24 23.55 2.31 4.11
C LEU A 24 23.76 3.61 3.35
N GLU A 25 23.90 4.72 4.08
CA GLU A 25 24.14 6.04 3.49
C GLU A 25 25.45 6.04 2.71
N THR A 26 26.44 5.34 3.27
CA THR A 26 27.75 5.26 2.66
C THR A 26 27.65 4.47 1.36
N VAL A 27 26.99 3.31 1.42
CA VAL A 27 26.90 2.44 0.25
C VAL A 27 26.13 3.09 -0.91
N VAL A 28 25.11 3.87 -0.60
CA VAL A 28 24.36 4.56 -1.63
C VAL A 28 25.23 5.61 -2.30
N GLN A 29 25.99 6.36 -1.51
CA GLN A 29 26.91 7.36 -2.05
C GLN A 29 28.00 6.69 -2.87
N ASP A 30 28.60 5.63 -2.32
CA ASP A 30 29.63 4.87 -3.04
C ASP A 30 29.09 4.37 -4.37
N HIS A 31 27.77 4.21 -4.47
CA HIS A 31 27.15 3.68 -5.69
C HIS A 31 26.40 4.72 -6.53
N GLY A 32 26.71 5.99 -6.32
CA GLY A 32 26.28 7.03 -7.23
C GLY A 32 25.05 7.81 -6.81
N GLY A 33 24.44 7.41 -5.71
CA GLY A 33 23.23 8.07 -5.25
C GLY A 33 23.48 9.35 -4.48
N LEU A 34 22.56 10.29 -4.63
CA LEU A 34 22.59 11.50 -3.84
C LEU A 34 21.85 11.28 -2.52
N VAL A 35 22.46 11.67 -1.41
CA VAL A 35 21.80 11.58 -0.11
C VAL A 35 21.42 12.95 0.45
N LEU A 36 20.12 13.16 0.73
CA LEU A 36 19.67 14.42 1.31
C LEU A 36 19.50 14.26 2.81
N ASP A 37 20.49 14.74 3.56
CA ASP A 37 20.52 14.58 5.02
C ASP A 37 19.29 15.16 5.71
N THR A 38 18.82 16.31 5.25
CA THR A 38 17.70 16.99 5.90
C THR A 38 16.34 16.51 5.39
N GLY A 39 16.35 15.65 4.38
CA GLY A 39 15.11 15.18 3.79
C GLY A 39 14.85 15.73 2.40
N LEU A 40 13.58 15.68 2.00
CA LEU A 40 13.20 15.91 0.61
C LEU A 40 12.89 17.38 0.27
N ARG A 41 12.81 18.24 1.28
CA ARG A 41 12.50 19.65 1.04
C ARG A 41 13.36 20.34 -0.03
N PRO A 42 14.67 20.05 -0.06
CA PRO A 42 15.54 20.70 -1.04
C PRO A 42 15.13 20.50 -2.50
N LEU A 43 14.16 19.62 -2.75
CA LEU A 43 13.72 19.39 -4.12
C LEU A 43 12.69 20.41 -4.57
N PHE A 44 12.22 21.23 -3.64
CA PHE A 44 11.17 22.22 -3.92
C PHE A 44 11.62 23.60 -3.49
N ASN A 45 10.87 24.61 -3.92
CA ASN A 45 11.12 25.98 -3.48
C ASN A 45 10.78 26.14 -2.00
N ASP A 46 11.16 27.29 -1.44
CA ASP A 46 10.81 27.63 -0.07
C ASP A 46 9.61 28.57 -0.11
N PRO A 47 8.41 28.03 0.19
CA PRO A 47 7.16 28.77 0.04
C PRO A 47 7.07 29.88 1.05
N PHE A 48 7.59 29.63 2.26
CA PHE A 48 7.61 30.63 3.31
C PHE A 48 8.67 31.69 3.05
N LYS A 49 8.61 32.30 1.87
CA LYS A 49 9.54 33.35 1.49
C LYS A 49 8.87 34.71 1.61
N LYS A 54 0.48 34.70 1.54
CA LYS A 54 -0.27 33.45 1.41
C LYS A 54 0.04 32.74 0.10
N LEU A 55 1.23 32.15 0.02
CA LEU A 55 1.72 31.57 -1.24
C LEU A 55 1.00 30.29 -1.64
N ARG A 56 1.00 30.01 -2.94
CA ARG A 56 0.33 28.82 -3.49
C ARG A 56 1.21 27.57 -3.31
N HIS A 57 0.72 26.44 -3.83
CA HIS A 57 1.38 25.15 -3.66
C HIS A 57 2.85 25.16 -4.06
N LEU A 58 3.55 24.08 -3.71
CA LEU A 58 4.99 23.97 -3.90
C LEU A 58 5.34 23.70 -5.36
N LYS A 59 6.46 24.26 -5.80
CA LYS A 59 7.00 23.96 -7.12
C LYS A 59 8.35 23.26 -6.99
N PRO A 60 8.60 22.25 -7.83
CA PRO A 60 9.90 21.57 -7.82
C PRO A 60 10.99 22.54 -8.24
N GLN A 61 12.20 22.35 -7.75
CA GLN A 61 13.33 23.18 -8.16
C GLN A 61 14.03 22.57 -9.36
N LYS A 62 14.68 23.42 -10.15
CA LYS A 62 15.36 22.99 -11.37
C LYS A 62 16.32 21.85 -11.10
N ARG A 63 16.86 21.82 -9.89
CA ARG A 63 17.77 20.77 -9.47
C ARG A 63 17.17 19.40 -9.75
N SER A 64 15.90 19.23 -9.41
CA SER A 64 15.24 17.93 -9.51
C SER A 64 15.12 17.42 -10.94
N LYS A 65 15.51 18.24 -11.91
CA LYS A 65 15.49 17.78 -13.30
C LYS A 65 16.66 16.82 -13.54
N SER A 66 17.59 16.80 -12.60
CA SER A 66 18.81 16.01 -12.73
C SER A 66 18.67 14.57 -12.22
N TRP A 67 17.52 14.26 -11.64
CA TRP A 67 17.26 12.93 -11.10
C TRP A 67 15.88 12.45 -11.51
N ASN A 68 15.69 11.13 -11.53
CA ASN A 68 14.39 10.60 -11.93
C ASN A 68 13.75 9.65 -10.92
N GLN A 69 14.45 9.36 -9.83
CA GLN A 69 13.90 8.53 -8.76
C GLN A 69 14.28 9.07 -7.41
N ALA A 70 13.38 8.93 -6.45
CA ALA A 70 13.64 9.35 -5.09
C ALA A 70 13.00 8.36 -4.13
N PHE A 71 13.56 8.25 -2.94
CA PHE A 71 13.06 7.32 -1.94
C PHE A 71 13.31 7.87 -0.57
N VAL A 72 12.41 7.56 0.36
CA VAL A 72 12.72 7.71 1.76
C VAL A 72 12.88 6.30 2.31
N VAL A 73 14.00 6.06 2.96
CA VAL A 73 14.30 4.73 3.49
C VAL A 73 14.01 4.68 4.98
N SER A 74 13.35 3.60 5.41
CA SER A 74 12.97 3.46 6.81
C SER A 74 12.68 2.00 7.14
N ASP A 75 12.99 1.60 8.36
CA ASP A 75 12.74 0.23 8.78
C ASP A 75 11.23 -0.07 8.86
N THR A 76 10.45 0.94 9.24
CA THR A 76 9.01 0.82 9.17
C THR A 76 8.39 2.21 9.09
N PHE A 77 7.08 2.29 8.92
CA PHE A 77 6.42 3.59 8.91
C PHE A 77 6.59 4.34 10.23
N SER A 78 6.40 5.65 10.21
CA SER A 78 6.43 6.45 11.42
C SER A 78 5.83 7.80 11.10
N ARG A 79 5.80 8.69 12.08
CA ARG A 79 5.35 10.06 11.86
C ARG A 79 6.52 11.04 11.92
N LYS A 80 7.74 10.53 11.74
CA LYS A 80 8.89 11.42 11.64
C LYS A 80 8.74 12.35 10.46
N VAL A 81 9.27 13.56 10.61
CA VAL A 81 9.12 14.62 9.61
C VAL A 81 9.54 14.25 8.19
N LYS A 82 10.61 13.48 8.05
CA LYS A 82 11.04 13.04 6.73
C LYS A 82 10.01 12.11 6.10
N TYR A 83 9.43 11.23 6.92
CA TYR A 83 8.41 10.29 6.46
C TYR A 83 7.16 11.04 6.03
N LEU A 84 6.67 11.91 6.91
CA LEU A 84 5.51 12.70 6.61
C LEU A 84 5.74 13.44 5.30
N GLU A 85 6.93 14.00 5.13
CA GLU A 85 7.26 14.69 3.88
C GLU A 85 7.12 13.81 2.65
N ALA A 86 7.69 12.60 2.69
CA ALA A 86 7.63 11.70 1.56
C ALA A 86 6.17 11.38 1.18
N LEU A 87 5.34 11.22 2.21
CA LEU A 87 3.92 10.94 2.02
C LEU A 87 3.24 12.11 1.32
N ALA A 88 3.55 13.33 1.77
CA ALA A 88 3.00 14.53 1.15
C ALA A 88 3.39 14.67 -0.32
N PHE A 89 4.62 14.28 -0.66
CA PHE A 89 5.14 14.41 -2.02
C PHE A 89 4.85 13.20 -2.89
N ASN A 90 4.27 12.16 -2.29
CA ASN A 90 4.05 10.88 -2.98
C ASN A 90 5.35 10.25 -3.44
N ILE A 91 6.39 10.37 -2.62
CA ILE A 91 7.66 9.68 -2.86
C ILE A 91 7.68 8.43 -2.00
N PRO A 92 8.07 7.29 -2.58
CA PRO A 92 7.93 6.01 -1.86
C PRO A 92 8.78 5.92 -0.60
N CYS A 93 8.17 5.51 0.51
CA CYS A 93 8.93 5.14 1.69
C CYS A 93 9.14 3.63 1.61
N VAL A 94 10.40 3.22 1.59
CA VAL A 94 10.75 1.82 1.36
C VAL A 94 11.66 1.27 2.47
N HIS A 95 11.69 -0.06 2.58
CA HIS A 95 12.51 -0.74 3.57
C HIS A 95 13.96 -0.77 3.07
N PRO A 96 14.93 -0.68 3.99
CA PRO A 96 16.38 -0.71 3.64
C PRO A 96 16.76 -1.87 2.74
N GLN A 97 16.06 -3.00 2.86
CA GLN A 97 16.37 -4.17 2.05
C GLN A 97 16.38 -3.81 0.56
N PHE A 98 15.64 -2.76 0.21
CA PHE A 98 15.54 -2.31 -1.15
C PHE A 98 16.93 -2.06 -1.68
N ILE A 99 17.73 -1.36 -0.89
CA ILE A 99 19.08 -1.01 -1.30
C ILE A 99 19.92 -2.26 -1.51
N LYS A 100 19.81 -3.22 -0.58
CA LYS A 100 20.63 -4.42 -0.67
C LYS A 100 20.25 -5.22 -1.90
N GLN A 101 18.96 -5.23 -2.22
CA GLN A 101 18.48 -5.93 -3.40
C GLN A 101 19.01 -5.29 -4.68
N CYS A 102 19.06 -3.96 -4.72
CA CYS A 102 19.60 -3.28 -5.89
C CYS A 102 21.05 -3.71 -6.08
N LEU A 103 21.85 -3.66 -5.01
CA LEU A 103 23.24 -4.09 -5.06
C LEU A 103 23.35 -5.51 -5.61
N LYS A 104 22.53 -6.40 -5.06
CA LYS A 104 22.48 -7.80 -5.48
CA LYS A 104 22.53 -7.80 -5.49
C LYS A 104 22.23 -7.96 -6.97
N MET A 105 21.37 -7.12 -7.53
CA MET A 105 20.97 -7.26 -8.93
C MET A 105 21.74 -6.35 -9.88
N ASN A 106 22.56 -5.45 -9.33
CA ASN A 106 23.32 -4.50 -10.15
CA ASN A 106 23.31 -4.51 -10.16
C ASN A 106 22.41 -3.62 -11.01
N ARG A 107 21.29 -3.20 -10.44
CA ARG A 107 20.35 -2.29 -11.10
C ARG A 107 19.37 -1.78 -10.06
N VAL A 108 18.62 -0.73 -10.39
CA VAL A 108 17.58 -0.25 -9.51
C VAL A 108 16.32 -1.04 -9.77
N VAL A 109 16.01 -1.99 -8.90
CA VAL A 109 14.85 -2.85 -9.11
C VAL A 109 13.55 -2.14 -8.78
N ASP A 110 12.45 -2.84 -9.01
CA ASP A 110 11.14 -2.38 -8.58
C ASP A 110 11.16 -2.23 -7.07
N PHE A 111 10.88 -1.03 -6.58
CA PHE A 111 10.85 -0.78 -5.15
C PHE A 111 9.60 -1.43 -4.52
N SER A 112 8.64 -1.78 -5.36
CA SER A 112 7.29 -2.13 -4.90
C SER A 112 7.21 -3.17 -3.76
N PRO A 113 7.95 -4.30 -3.91
CA PRO A 113 7.98 -5.31 -2.85
C PRO A 113 8.53 -4.81 -1.51
N TYR A 114 9.10 -3.60 -1.47
CA TYR A 114 9.69 -3.05 -0.24
C TYR A 114 8.90 -1.84 0.26
N LEU A 115 7.72 -1.64 -0.34
CA LEU A 115 6.93 -0.46 -0.04
C LEU A 115 6.21 -0.54 1.31
N LEU A 116 6.66 0.28 2.24
CA LEU A 116 6.13 0.26 3.60
C LEU A 116 4.67 0.69 3.65
N ALA A 117 4.00 0.34 4.73
CA ALA A 117 2.68 0.91 4.99
C ALA A 117 2.84 2.42 5.10
N SER A 118 1.77 3.16 4.86
CA SER A 118 1.83 4.62 4.94
C SER A 118 1.83 5.13 6.39
N GLY A 119 1.10 4.44 7.26
CA GLY A 119 0.94 4.88 8.64
C GLY A 119 -0.28 4.30 9.35
N TYR A 120 -0.42 4.64 10.63
CA TYR A 120 -1.58 4.20 11.40
C TYR A 120 -2.63 5.31 11.49
N SER A 121 -3.86 4.97 11.12
CA SER A 121 -4.99 5.89 11.22
C SER A 121 -5.67 5.74 12.57
N HIS A 122 -5.68 6.79 13.38
CA HIS A 122 -6.39 6.70 14.66
C HIS A 122 -7.87 6.86 14.37
N ARG A 123 -8.15 7.52 13.25
CA ARG A 123 -9.52 7.70 12.80
C ARG A 123 -10.15 6.37 12.40
N LEU A 124 -9.45 5.58 11.59
CA LEU A 124 -9.99 4.29 11.16
C LEU A 124 -9.56 3.17 12.08
N ASP A 125 -8.60 3.46 12.95
CA ASP A 125 -8.03 2.46 13.83
C ASP A 125 -7.40 1.29 13.09
N CYS A 126 -6.57 1.60 12.11
CA CYS A 126 -5.93 0.56 11.31
C CYS A 126 -4.73 1.13 10.57
N THR A 127 -3.89 0.23 10.07
CA THR A 127 -2.77 0.61 9.24
C THR A 127 -3.17 0.56 7.77
N LEU A 128 -2.81 1.60 7.03
CA LEU A 128 -3.18 1.77 5.63
C LEU A 128 -1.98 1.62 4.72
N SER A 129 -2.23 1.53 3.42
CA SER A 129 -1.19 1.38 2.40
C SER A 129 -0.75 2.70 1.77
N GLN A 130 0.52 2.78 1.40
CA GLN A 130 0.98 3.84 0.51
C GLN A 130 0.40 3.58 -0.87
N ARG A 131 0.19 4.62 -1.68
CA ARG A 131 -0.26 4.46 -3.07
C ARG A 131 0.58 5.39 -3.93
N ILE A 132 1.56 4.81 -4.62
CA ILE A 132 2.56 5.61 -5.33
C ILE A 132 2.37 5.59 -6.84
N GLU A 133 2.26 6.77 -7.44
CA GLU A 133 2.35 6.86 -8.90
C GLU A 133 3.67 6.27 -9.36
N PRO A 134 3.61 5.31 -10.31
CA PRO A 134 4.83 4.66 -10.81
C PRO A 134 5.82 5.68 -11.34
N PHE A 135 7.11 5.39 -11.20
CA PHE A 135 8.16 6.20 -11.82
C PHE A 135 8.20 5.94 -13.33
N ASP A 136 7.98 6.98 -14.12
CA ASP A 136 8.12 6.86 -15.56
C ASP A 136 9.55 7.21 -15.92
N THR A 137 10.29 6.24 -16.43
CA THR A 137 11.74 6.39 -16.67
C THR A 137 12.08 7.57 -17.60
N THR A 138 11.10 8.01 -18.38
CA THR A 138 11.36 9.10 -19.32
C THR A 138 11.18 10.46 -18.65
N ASP A 139 10.59 10.46 -17.45
CA ASP A 139 10.33 11.70 -16.72
C ASP A 139 11.35 11.93 -15.60
N SER A 140 11.81 13.16 -15.47
CA SER A 140 12.66 13.54 -14.35
C SER A 140 11.80 13.77 -13.11
N LEU A 141 12.44 13.90 -11.96
CA LEU A 141 11.71 14.16 -10.72
C LEU A 141 10.97 15.48 -10.84
N TYR A 142 11.57 16.42 -11.56
CA TYR A 142 10.94 17.71 -11.81
C TYR A 142 9.60 17.55 -12.52
N ASP A 143 9.61 16.83 -13.64
CA ASP A 143 8.39 16.58 -14.39
C ASP A 143 7.37 15.91 -13.49
N ARG A 144 7.80 14.85 -12.82
CA ARG A 144 6.94 14.13 -11.89
C ARG A 144 6.31 15.06 -10.85
N LEU A 145 7.14 15.80 -10.13
CA LEU A 145 6.67 16.66 -9.05
C LEU A 145 5.84 17.86 -9.52
N LEU A 146 6.09 18.31 -10.75
CA LEU A 146 5.36 19.44 -11.30
C LEU A 146 3.91 19.05 -11.65
N ALA A 147 3.77 17.88 -12.25
CA ALA A 147 2.47 17.37 -12.69
C ALA A 147 1.54 16.98 -11.53
N ARG A 148 2.14 16.70 -10.36
CA ARG A 148 1.36 16.19 -9.25
C ARG A 148 0.37 17.20 -8.68
N LYS A 149 -0.84 16.72 -8.45
CA LYS A 149 -1.86 17.48 -7.74
C LYS A 149 -2.29 16.63 -6.55
N GLY A 150 -1.96 17.09 -5.36
CA GLY A 150 -2.30 16.37 -4.15
C GLY A 150 -3.79 16.19 -3.97
N PRO A 151 -4.20 15.38 -2.98
CA PRO A 151 -5.61 15.16 -2.64
C PRO A 151 -6.26 16.41 -2.05
N LEU A 152 -5.46 17.40 -1.67
CA LEU A 152 -6.00 18.63 -1.12
C LEU A 152 -5.95 19.76 -2.14
N PHE A 153 -5.87 19.39 -3.42
CA PHE A 153 -5.76 20.37 -4.48
C PHE A 153 -7.03 21.21 -4.54
N GLY A 154 -6.88 22.53 -4.40
CA GLY A 154 -8.01 23.43 -4.44
C GLY A 154 -8.37 23.99 -3.08
N LYS A 155 -8.40 23.14 -2.06
CA LYS A 155 -8.85 23.56 -0.72
C LYS A 155 -8.15 24.81 -0.20
N LYS A 156 -8.97 25.77 0.24
CA LYS A 156 -8.46 26.97 0.86
C LYS A 156 -8.36 26.74 2.35
N ILE A 157 -7.15 26.85 2.90
CA ILE A 157 -6.97 26.59 4.32
C ILE A 157 -6.37 27.79 5.06
N LEU A 158 -6.95 28.12 6.20
CA LEU A 158 -6.48 29.24 7.00
C LEU A 158 -5.75 28.75 8.23
N PHE A 159 -4.49 29.16 8.36
CA PHE A 159 -3.69 28.79 9.52
C PHE A 159 -3.53 29.94 10.49
N ILE A 160 -4.44 30.05 11.45
CA ILE A 160 -4.32 31.05 12.49
C ILE A 160 -3.23 30.60 13.46
N ILE A 161 -2.14 31.36 13.52
CA ILE A 161 -0.99 30.95 14.32
C ILE A 161 -0.18 32.12 14.89
N PRO A 162 -0.73 32.81 15.91
CA PRO A 162 0.02 33.84 16.63
C PRO A 162 0.69 33.22 17.85
N GLU A 175 10.47 28.91 16.55
CA GLU A 175 11.15 28.24 17.65
C GLU A 175 10.34 27.02 18.07
N GLN A 176 9.05 27.23 18.30
CA GLN A 176 8.10 26.15 18.56
C GLN A 176 7.05 26.14 17.47
N GLY A 177 6.84 27.30 16.86
CA GLY A 177 5.94 27.43 15.72
C GLY A 177 6.60 26.87 14.47
N GLN A 178 7.77 26.27 14.66
CA GLN A 178 8.45 25.55 13.59
C GLN A 178 7.68 24.26 13.36
N LYS A 179 7.32 23.60 14.45
CA LYS A 179 6.47 22.42 14.39
C LYS A 179 5.17 22.79 13.67
N ALA A 180 4.76 24.03 13.85
CA ALA A 180 3.57 24.55 13.19
C ALA A 180 3.80 24.67 11.69
N LEU A 181 4.95 25.22 11.31
CA LEU A 181 5.29 25.41 9.91
C LEU A 181 5.30 24.08 9.18
N ALA A 182 5.73 23.03 9.87
CA ALA A 182 5.75 21.69 9.29
C ALA A 182 4.37 21.30 8.77
N HIS A 183 3.33 21.60 9.55
CA HIS A 183 1.96 21.31 9.16
C HIS A 183 1.55 22.14 7.96
N VAL A 184 1.88 23.43 8.00
CA VAL A 184 1.63 24.33 6.89
C VAL A 184 2.17 23.73 5.61
N TYR A 185 3.41 23.25 5.72
CA TYR A 185 4.13 22.73 4.59
C TYR A 185 3.45 21.50 4.00
N HIS A 186 3.02 20.58 4.88
CA HIS A 186 2.39 19.34 4.44
C HIS A 186 1.11 19.61 3.65
N ALA A 187 0.32 20.58 4.12
CA ALA A 187 -0.89 20.99 3.43
C ALA A 187 -0.59 21.46 2.01
N LEU A 188 0.45 22.28 1.87
CA LEU A 188 0.86 22.77 0.55
C LEU A 188 1.36 21.64 -0.33
N ALA A 189 2.16 20.75 0.26
CA ALA A 189 2.67 19.60 -0.47
C ALA A 189 1.49 18.75 -0.93
N LEU A 190 0.45 18.72 -0.11
CA LEU A 190 -0.78 18.01 -0.45
C LEU A 190 -1.61 18.78 -1.47
N GLY A 191 -1.13 19.97 -1.85
CA GLY A 191 -1.69 20.70 -2.98
C GLY A 191 -2.71 21.75 -2.59
N ALA A 192 -2.73 22.10 -1.31
CA ALA A 192 -3.67 23.10 -0.82
C ALA A 192 -3.14 24.52 -1.03
N ASP A 193 -4.06 25.49 -1.08
CA ASP A 193 -3.69 26.89 -1.12
C ASP A 193 -3.95 27.50 0.25
N VAL A 194 -2.88 27.95 0.88
CA VAL A 194 -2.91 28.31 2.30
C VAL A 194 -2.65 29.79 2.58
N GLU A 195 -3.43 30.35 3.49
CA GLU A 195 -3.21 31.70 4.00
C GLU A 195 -3.13 31.69 5.52
N ILE A 196 -2.15 32.40 6.05
CA ILE A 196 -1.86 32.39 7.49
C ILE A 196 -2.13 33.73 8.14
N ARG A 197 -3.19 33.79 8.95
CA ARG A 197 -3.52 35.01 9.68
C ARG A 197 -3.81 34.71 11.15
N PRO A 198 -3.22 35.50 12.06
CA PRO A 198 -3.39 35.34 13.51
C PRO A 198 -4.84 35.13 13.93
N ASN A 199 -5.79 35.66 13.17
CA ASN A 199 -7.20 35.40 13.41
C ASN A 199 -8.07 35.74 12.19
N VAL A 200 -9.31 35.25 12.20
CA VAL A 200 -10.23 35.43 11.08
C VAL A 200 -10.85 36.87 11.15
N ALA A 201 -12.15 37.16 10.91
CA ALA A 201 -13.27 36.24 10.72
C ALA A 201 -14.17 36.63 9.54
N HIS A 202 -13.58 37.03 8.42
CA HIS A 202 -14.38 37.41 7.25
C HIS A 202 -15.02 36.23 6.49
N LEU A 203 -14.29 35.53 5.62
CA LEU A 203 -12.92 35.82 5.21
C LEU A 203 -12.61 35.12 3.89
N GLU A 204 -13.26 33.97 3.68
CA GLU A 204 -13.10 33.12 2.49
C GLU A 204 -13.19 31.66 2.93
N CYS A 205 -12.16 30.88 2.57
CA CYS A 205 -11.92 29.60 3.23
C CYS A 205 -12.88 28.44 2.90
N ASP A 206 -12.41 27.22 3.14
CA ASP A 206 -13.26 26.05 3.26
C ASP A 206 -12.74 25.10 4.35
N LEU A 207 -11.67 25.54 5.03
CA LEU A 207 -11.11 24.83 6.18
C LEU A 207 -10.19 25.72 7.04
N ILE A 208 -10.19 25.48 8.35
CA ILE A 208 -9.40 26.27 9.27
C ILE A 208 -8.57 25.39 10.20
N LEU A 209 -7.27 25.66 10.25
CA LEU A 209 -6.37 24.87 11.09
C LEU A 209 -5.85 25.64 12.30
N THR A 210 -5.89 24.98 13.45
CA THR A 210 -5.36 25.54 14.69
C THR A 210 -4.75 24.39 15.47
N MET A 211 -3.54 24.59 15.98
CA MET A 211 -2.91 23.52 16.76
C MET A 211 -3.34 23.55 18.22
N ASP A 212 -4.63 23.31 18.43
CA ASP A 212 -5.20 23.20 19.77
C ASP A 212 -5.12 24.48 20.59
N GLY A 213 -5.15 25.61 19.92
CA GLY A 213 -5.32 26.88 20.59
C GLY A 213 -6.75 26.97 21.06
N ASN A 214 -7.67 27.09 20.11
CA ASN A 214 -9.10 27.11 20.37
C ASN A 214 -9.87 27.63 19.16
N ILE A 215 -9.25 28.56 18.44
CA ILE A 215 -9.90 29.23 17.31
C ILE A 215 -11.04 30.13 17.77
N VAL A 216 -11.16 31.30 17.17
CA VAL A 216 -12.18 32.28 17.53
C VAL A 216 -13.57 31.66 17.55
N ASP A 217 -14.52 32.38 18.15
CA ASP A 217 -15.89 31.90 18.29
C ASP A 217 -16.49 31.49 16.95
N GLU A 218 -17.27 32.40 16.35
CA GLU A 218 -17.92 32.13 15.08
C GLU A 218 -16.89 31.98 13.96
N THR A 219 -17.22 31.15 12.98
CA THR A 219 -16.33 30.90 11.85
C THR A 219 -17.11 30.41 10.63
N ASN A 220 -16.58 30.68 9.44
CA ASN A 220 -17.25 30.28 8.20
C ASN A 220 -16.86 28.87 7.74
N CYS A 221 -15.80 28.33 8.34
CA CYS A 221 -15.29 27.01 7.98
C CYS A 221 -14.92 26.19 9.21
N PRO A 222 -15.12 24.87 9.14
CA PRO A 222 -14.85 24.00 10.28
C PRO A 222 -13.41 24.13 10.77
N VAL A 223 -13.21 24.03 12.08
CA VAL A 223 -11.87 24.05 12.67
C VAL A 223 -11.29 22.65 12.63
N VAL A 224 -9.98 22.56 12.44
CA VAL A 224 -9.34 21.27 12.25
C VAL A 224 -8.03 21.14 13.02
N ASP A 225 -7.77 19.93 13.50
CA ASP A 225 -6.53 19.62 14.19
C ASP A 225 -5.46 19.29 13.15
N PRO A 226 -4.17 19.43 13.52
CA PRO A 226 -3.11 18.97 12.63
C PRO A 226 -3.24 17.48 12.32
N GLU A 227 -3.71 16.70 13.29
CA GLU A 227 -4.00 15.28 13.07
C GLU A 227 -4.81 15.05 11.80
N TRP A 228 -5.76 15.95 11.54
CA TRP A 228 -6.49 15.96 10.27
C TRP A 228 -5.54 15.99 9.06
N ILE A 229 -4.44 16.72 9.18
CA ILE A 229 -3.45 16.75 8.11
C ILE A 229 -2.76 15.40 8.03
N VAL A 230 -2.36 14.88 9.18
CA VAL A 230 -1.73 13.57 9.23
C VAL A 230 -2.65 12.50 8.62
N GLU A 231 -3.94 12.57 8.92
CA GLU A 231 -4.87 11.60 8.39
C GLU A 231 -4.93 11.72 6.87
N CYS A 232 -4.82 12.95 6.37
CA CYS A 232 -4.82 13.16 4.93
C CYS A 232 -3.56 12.59 4.28
N LEU A 233 -2.45 12.67 5.01
CA LEU A 233 -1.16 12.17 4.53
C LEU A 233 -1.16 10.65 4.43
N ILE A 234 -1.56 10.00 5.52
CA ILE A 234 -1.59 8.54 5.64
C ILE A 234 -2.58 7.86 4.67
N SER A 235 -3.68 8.53 4.38
CA SER A 235 -4.69 7.97 3.49
C SER A 235 -4.62 8.53 2.06
N GLN A 236 -3.78 9.55 1.85
CA GLN A 236 -3.70 10.24 0.57
C GLN A 236 -5.08 10.63 0.06
N SER A 237 -5.84 11.31 0.91
CA SER A 237 -7.17 11.75 0.55
C SER A 237 -7.56 13.01 1.30
N ASP A 238 -8.60 13.65 0.80
CA ASP A 238 -9.28 14.76 1.48
C ASP A 238 -10.32 14.15 2.42
N ILE A 239 -10.06 14.23 3.72
CA ILE A 239 -10.77 13.42 4.70
C ILE A 239 -12.16 13.93 5.13
N SER A 240 -12.32 15.25 5.20
CA SER A 240 -13.61 15.79 5.64
C SER A 240 -14.71 15.68 4.59
N THR A 241 -14.44 14.93 3.52
CA THR A 241 -15.43 14.73 2.47
C THR A 241 -15.89 13.28 2.38
N LEU B 1 -28.54 1.31 -8.27
CA LEU B 1 -27.95 0.54 -7.18
C LEU B 1 -26.43 0.68 -7.13
N ILE B 2 -25.94 1.24 -6.03
CA ILE B 2 -24.54 1.58 -5.88
C ILE B 2 -23.59 0.43 -6.22
N PHE B 3 -23.84 -0.75 -5.65
CA PHE B 3 -22.89 -1.86 -5.72
C PHE B 3 -23.18 -2.85 -6.85
N ASP B 4 -23.77 -2.34 -7.92
CA ASP B 4 -24.04 -3.16 -9.08
C ASP B 4 -22.74 -3.75 -9.65
N ASP B 5 -22.70 -5.08 -9.76
CA ASP B 5 -21.53 -5.78 -10.30
C ASP B 5 -20.33 -5.84 -9.36
N CYS B 6 -20.58 -5.63 -8.07
CA CYS B 6 -19.53 -5.71 -7.08
C CYS B 6 -19.70 -6.97 -6.26
N VAL B 7 -18.60 -7.69 -6.05
CA VAL B 7 -18.58 -8.83 -5.12
C VAL B 7 -17.86 -8.44 -3.82
N PHE B 8 -18.42 -8.83 -2.67
CA PHE B 8 -17.81 -8.58 -1.36
C PHE B 8 -17.64 -9.87 -0.57
N ALA B 9 -16.51 -9.99 0.11
CA ALA B 9 -16.36 -10.99 1.15
C ALA B 9 -15.94 -10.27 2.42
N PHE B 10 -16.24 -10.87 3.56
CA PHE B 10 -16.03 -10.20 4.83
C PHE B 10 -15.13 -11.05 5.68
N SER B 11 -14.02 -10.46 6.10
CA SER B 11 -13.04 -11.17 6.91
C SER B 11 -13.06 -10.62 8.34
N GLY B 12 -12.63 -11.45 9.30
CA GLY B 12 -12.63 -11.03 10.69
C GLY B 12 -14.04 -10.79 11.21
N PRO B 13 -14.20 -9.79 12.10
CA PRO B 13 -13.16 -8.86 12.57
C PRO B 13 -12.00 -9.51 13.30
N VAL B 14 -10.84 -8.86 13.23
CA VAL B 14 -9.68 -9.26 14.01
C VAL B 14 -9.94 -8.98 15.49
N HIS B 15 -10.30 -7.74 15.79
CA HIS B 15 -10.67 -7.33 17.13
C HIS B 15 -12.18 -7.39 17.28
N GLU B 16 -12.65 -7.98 18.38
CA GLU B 16 -14.08 -8.13 18.66
C GLU B 16 -14.93 -6.94 18.23
N ASP B 17 -15.90 -7.19 17.35
CA ASP B 17 -16.90 -6.20 17.00
C ASP B 17 -16.33 -4.86 16.54
N ALA B 18 -15.20 -4.89 15.84
CA ALA B 18 -14.63 -3.66 15.30
C ALA B 18 -15.52 -3.09 14.19
N TYR B 19 -16.34 -3.97 13.61
CA TYR B 19 -17.37 -3.56 12.66
C TYR B 19 -18.53 -4.56 12.67
N ASP B 20 -19.71 -4.14 12.23
CA ASP B 20 -20.87 -5.01 12.22
C ASP B 20 -21.04 -5.72 10.89
N ARG B 21 -20.54 -6.94 10.82
CA ARG B 21 -20.53 -7.70 9.59
C ARG B 21 -21.91 -7.84 9.00
N SER B 22 -22.84 -8.41 9.76
CA SER B 22 -24.20 -8.64 9.28
C SER B 22 -24.88 -7.36 8.79
N ALA B 23 -24.76 -6.28 9.55
CA ALA B 23 -25.33 -5.00 9.13
C ALA B 23 -24.78 -4.59 7.76
N LEU B 24 -23.46 -4.71 7.58
CA LEU B 24 -22.80 -4.31 6.35
C LEU B 24 -23.11 -5.25 5.18
N GLU B 25 -23.10 -6.55 5.46
CA GLU B 25 -23.53 -7.54 4.47
C GLU B 25 -24.93 -7.21 3.94
N THR B 26 -25.81 -6.84 4.86
CA THR B 26 -27.19 -6.49 4.48
C THR B 26 -27.24 -5.23 3.62
N VAL B 27 -26.49 -4.21 4.02
CA VAL B 27 -26.46 -2.96 3.26
C VAL B 27 -25.95 -3.19 1.83
N VAL B 28 -24.96 -4.07 1.71
CA VAL B 28 -24.38 -4.39 0.41
C VAL B 28 -25.39 -5.09 -0.48
N GLN B 29 -26.03 -6.11 0.08
CA GLN B 29 -27.06 -6.84 -0.65
C GLN B 29 -28.19 -5.90 -1.06
N ASP B 30 -28.63 -5.06 -0.14
CA ASP B 30 -29.72 -4.12 -0.42
C ASP B 30 -29.37 -3.10 -1.50
N HIS B 31 -28.12 -3.08 -1.92
CA HIS B 31 -27.69 -2.11 -2.93
C HIS B 31 -27.14 -2.74 -4.21
N GLY B 32 -27.42 -4.01 -4.40
CA GLY B 32 -27.08 -4.68 -5.65
C GLY B 32 -25.74 -5.39 -5.61
N GLY B 33 -25.13 -5.43 -4.44
CA GLY B 33 -23.86 -6.11 -4.27
C GLY B 33 -24.08 -7.55 -3.87
N LEU B 34 -23.26 -8.43 -4.41
CA LEU B 34 -23.29 -9.85 -4.05
C LEU B 34 -22.27 -10.14 -2.95
N VAL B 35 -22.66 -10.96 -1.99
CA VAL B 35 -21.80 -11.27 -0.85
C VAL B 35 -21.39 -12.74 -0.88
N LEU B 36 -20.09 -12.99 -0.90
CA LEU B 36 -19.60 -14.36 -0.90
C LEU B 36 -19.16 -14.79 0.49
N ASP B 37 -19.99 -15.60 1.13
CA ASP B 37 -19.83 -15.97 2.52
C ASP B 37 -18.55 -16.73 2.80
N THR B 38 -18.12 -17.55 1.86
CA THR B 38 -16.93 -18.37 2.03
C THR B 38 -15.66 -17.65 1.57
N GLY B 39 -15.83 -16.62 0.77
CA GLY B 39 -14.70 -15.88 0.27
C GLY B 39 -14.61 -15.86 -1.25
N LEU B 40 -13.42 -15.58 -1.76
CA LEU B 40 -13.19 -15.35 -3.17
C LEU B 40 -13.02 -16.62 -4.01
N ARG B 41 -12.93 -17.77 -3.36
CA ARG B 41 -12.66 -19.02 -4.09
C ARG B 41 -13.64 -19.33 -5.23
N PRO B 42 -14.94 -19.03 -5.04
CA PRO B 42 -15.91 -19.23 -6.13
C PRO B 42 -15.60 -18.44 -7.41
N LEU B 43 -14.64 -17.53 -7.35
CA LEU B 43 -14.25 -16.80 -8.55
C LEU B 43 -13.35 -17.67 -9.42
N PHE B 44 -12.87 -18.76 -8.85
CA PHE B 44 -11.95 -19.62 -9.57
C PHE B 44 -12.44 -21.07 -9.64
N ASN B 45 -11.91 -21.80 -10.62
CA ASN B 45 -12.21 -23.22 -10.72
C ASN B 45 -11.57 -23.94 -9.54
N ASP B 46 -12.25 -24.96 -9.02
CA ASP B 46 -11.72 -25.76 -7.92
C ASP B 46 -10.58 -26.64 -8.44
N PRO B 47 -9.35 -26.34 -8.01
CA PRO B 47 -8.18 -27.10 -8.48
C PRO B 47 -8.22 -28.54 -7.96
N PHE B 48 -8.88 -28.75 -6.82
CA PHE B 48 -8.91 -30.06 -6.19
C PHE B 48 -10.17 -30.85 -6.55
N LYS B 49 -10.80 -30.48 -7.67
CA LYS B 49 -12.01 -31.16 -8.13
C LYS B 49 -11.69 -32.58 -8.59
N SER B 50 -10.59 -32.72 -9.32
CA SER B 50 -10.17 -34.00 -9.85
C SER B 50 -9.45 -34.83 -8.79
N LYS B 51 -9.24 -34.23 -7.62
CA LYS B 51 -8.44 -34.85 -6.58
C LYS B 51 -7.06 -35.22 -7.15
N GLN B 52 -6.64 -34.46 -8.16
CA GLN B 52 -5.38 -34.70 -8.86
C GLN B 52 -4.19 -34.23 -8.03
N LYS B 53 -2.99 -34.60 -8.44
CA LYS B 53 -1.78 -34.32 -7.66
C LYS B 53 -0.75 -33.45 -8.39
N LYS B 54 -0.89 -33.33 -9.71
CA LYS B 54 -0.13 -32.33 -10.46
C LYS B 54 -1.08 -31.25 -10.94
N LEU B 55 -0.89 -30.02 -10.44
CA LEU B 55 -1.88 -28.97 -10.60
C LEU B 55 -1.35 -27.76 -11.36
N ARG B 56 -2.20 -27.17 -12.20
CA ARG B 56 -1.85 -25.95 -12.90
C ARG B 56 -2.43 -24.76 -12.17
N HIS B 57 -1.77 -23.61 -12.29
CA HIS B 57 -2.20 -22.39 -11.63
C HIS B 57 -3.67 -22.11 -11.94
N LEU B 58 -4.30 -21.34 -11.06
CA LEU B 58 -5.74 -21.13 -11.10
C LEU B 58 -6.27 -20.40 -12.34
N LYS B 59 -7.47 -20.78 -12.79
CA LYS B 59 -8.20 -20.07 -13.83
C LYS B 59 -9.56 -19.53 -13.36
N PRO B 60 -9.89 -18.30 -13.75
CA PRO B 60 -11.16 -17.64 -13.39
C PRO B 60 -12.36 -18.51 -13.77
N GLN B 61 -13.40 -18.52 -12.95
CA GLN B 61 -14.61 -19.31 -13.21
C GLN B 61 -15.57 -18.53 -14.10
N LYS B 62 -16.38 -19.25 -14.87
CA LYS B 62 -17.38 -18.66 -15.76
C LYS B 62 -18.15 -17.52 -15.09
N ARG B 63 -18.70 -17.80 -13.92
CA ARG B 63 -19.59 -16.88 -13.22
C ARG B 63 -18.99 -15.51 -12.95
N SER B 64 -17.67 -15.43 -12.92
CA SER B 64 -17.02 -14.15 -12.60
C SER B 64 -17.02 -13.21 -13.80
N LYS B 65 -17.50 -13.70 -14.93
CA LYS B 65 -17.72 -12.81 -16.07
C LYS B 65 -18.83 -11.83 -15.70
N SER B 66 -19.66 -12.21 -14.73
CA SER B 66 -20.82 -11.41 -14.37
C SER B 66 -20.52 -10.22 -13.48
N TRP B 67 -19.29 -10.07 -13.01
CA TRP B 67 -18.96 -8.93 -12.16
C TRP B 67 -17.72 -8.19 -12.65
N ASN B 68 -17.50 -6.98 -12.14
CA ASN B 68 -16.26 -6.27 -12.47
C ASN B 68 -15.51 -5.64 -11.28
N GLN B 69 -16.00 -5.87 -10.06
CA GLN B 69 -15.34 -5.33 -8.89
C GLN B 69 -15.44 -6.32 -7.75
N ALA B 70 -14.37 -6.41 -6.98
CA ALA B 70 -14.33 -7.30 -5.82
C ALA B 70 -13.60 -6.60 -4.68
N PHE B 71 -13.91 -6.99 -3.45
CA PHE B 71 -13.33 -6.38 -2.27
C PHE B 71 -13.44 -7.38 -1.12
N VAL B 72 -12.42 -7.40 -0.28
CA VAL B 72 -12.52 -8.10 1.00
C VAL B 72 -12.49 -7.04 2.09
N VAL B 73 -13.47 -7.10 2.98
CA VAL B 73 -13.61 -6.11 4.03
C VAL B 73 -12.99 -6.61 5.32
N SER B 74 -12.22 -5.74 5.97
CA SER B 74 -11.57 -6.15 7.21
C SER B 74 -11.30 -4.91 8.05
N ASP B 75 -11.42 -5.07 9.37
CA ASP B 75 -11.19 -3.94 10.27
C ASP B 75 -9.72 -3.50 10.15
N THR B 76 -8.81 -4.48 10.15
CA THR B 76 -7.39 -4.27 9.85
C THR B 76 -6.81 -5.49 9.11
N PHE B 77 -5.52 -5.44 8.77
CA PHE B 77 -4.85 -6.57 8.09
C PHE B 77 -4.79 -7.82 8.96
N SER B 78 -4.80 -9.00 8.35
CA SER B 78 -4.71 -10.25 9.10
C SER B 78 -4.16 -11.39 8.25
N ARG B 79 -4.10 -12.59 8.83
CA ARG B 79 -3.73 -13.79 8.08
C ARG B 79 -4.87 -14.78 7.99
N LYS B 80 -6.10 -14.28 8.14
CA LYS B 80 -7.27 -15.15 8.03
C LYS B 80 -7.51 -15.59 6.58
N VAL B 81 -8.24 -16.68 6.44
CA VAL B 81 -8.44 -17.32 5.15
C VAL B 81 -8.75 -16.33 4.04
N LYS B 82 -9.83 -15.59 4.22
CA LYS B 82 -10.31 -14.69 3.16
C LYS B 82 -9.29 -13.61 2.81
N TYR B 83 -8.49 -13.23 3.80
CA TYR B 83 -7.52 -12.15 3.61
C TYR B 83 -6.39 -12.59 2.69
N LEU B 84 -5.87 -13.79 2.94
CA LEU B 84 -4.74 -14.29 2.17
C LEU B 84 -5.15 -14.54 0.73
N GLU B 85 -6.32 -15.14 0.56
CA GLU B 85 -6.85 -15.39 -0.75
C GLU B 85 -6.89 -14.09 -1.53
N ALA B 86 -7.42 -13.03 -0.91
CA ALA B 86 -7.52 -11.74 -1.58
C ALA B 86 -6.14 -11.20 -2.00
N LEU B 87 -5.19 -11.25 -1.07
CA LEU B 87 -3.79 -10.94 -1.36
C LEU B 87 -3.27 -11.78 -2.53
N ALA B 88 -3.57 -13.07 -2.51
CA ALA B 88 -3.20 -13.94 -3.61
C ALA B 88 -3.80 -13.47 -4.96
N PHE B 89 -5.05 -13.02 -4.94
CA PHE B 89 -5.78 -12.72 -6.16
C PHE B 89 -5.62 -11.28 -6.59
N ASN B 90 -4.87 -10.51 -5.80
CA ASN B 90 -4.76 -9.07 -6.02
C ASN B 90 -6.12 -8.37 -5.95
N ILE B 91 -6.94 -8.80 -5.00
CA ILE B 91 -8.21 -8.14 -4.75
C ILE B 91 -8.10 -7.32 -3.48
N PRO B 92 -8.51 -6.04 -3.54
CA PRO B 92 -8.22 -5.08 -2.46
C PRO B 92 -8.87 -5.47 -1.15
N CYS B 93 -8.11 -5.40 -0.07
CA CYS B 93 -8.67 -5.51 1.27
C CYS B 93 -8.86 -4.09 1.80
N VAL B 94 -10.10 -3.75 2.13
CA VAL B 94 -10.45 -2.38 2.49
C VAL B 94 -11.14 -2.29 3.85
N HIS B 95 -11.08 -1.11 4.44
CA HIS B 95 -11.77 -0.83 5.69
C HIS B 95 -13.27 -0.70 5.44
N PRO B 96 -14.10 -1.13 6.40
CA PRO B 96 -15.56 -1.05 6.31
C PRO B 96 -16.02 0.36 5.93
N GLN B 97 -15.23 1.35 6.34
CA GLN B 97 -15.56 2.74 6.08
C GLN B 97 -15.74 3.01 4.58
N PHE B 98 -15.19 2.11 3.76
CA PHE B 98 -15.34 2.21 2.32
C PHE B 98 -16.81 2.05 1.91
N ILE B 99 -17.46 1.02 2.41
CA ILE B 99 -18.87 0.76 2.11
C ILE B 99 -19.72 1.96 2.51
N LYS B 100 -19.48 2.48 3.70
CA LYS B 100 -20.24 3.63 4.21
C LYS B 100 -19.99 4.85 3.36
N GLN B 101 -18.77 4.98 2.87
CA GLN B 101 -18.42 6.13 2.03
C GLN B 101 -19.04 6.01 0.64
N CYS B 102 -19.27 4.78 0.21
CA CYS B 102 -19.93 4.55 -1.07
C CYS B 102 -21.38 5.01 -0.96
N LEU B 103 -22.04 4.64 0.13
CA LEU B 103 -23.41 5.08 0.37
C LEU B 103 -23.48 6.60 0.42
N LYS B 104 -22.61 7.21 1.22
CA LYS B 104 -22.60 8.67 1.36
C LYS B 104 -22.50 9.39 0.02
N MET B 105 -21.74 8.83 -0.92
CA MET B 105 -21.54 9.50 -2.21
C MET B 105 -22.45 8.96 -3.32
N ASN B 106 -23.31 8.01 -2.96
CA ASN B 106 -24.23 7.43 -3.94
C ASN B 106 -23.50 6.82 -5.15
N ARG B 107 -22.33 6.24 -4.91
CA ARG B 107 -21.54 5.62 -5.97
C ARG B 107 -20.42 4.75 -5.39
N VAL B 108 -19.61 4.18 -6.26
CA VAL B 108 -18.44 3.45 -5.79
C VAL B 108 -17.20 4.35 -5.91
N VAL B 109 -16.80 4.93 -4.78
CA VAL B 109 -15.63 5.81 -4.76
C VAL B 109 -14.36 4.99 -4.93
N ASP B 110 -13.24 5.69 -5.11
CA ASP B 110 -11.94 5.07 -5.12
C ASP B 110 -11.71 4.40 -3.77
N PHE B 111 -11.34 3.12 -3.78
CA PHE B 111 -11.09 2.39 -2.54
C PHE B 111 -9.75 2.73 -1.88
N SER B 112 -8.84 3.34 -2.62
CA SER B 112 -7.48 3.55 -2.15
C SER B 112 -7.37 4.17 -0.75
N PRO B 113 -8.13 5.24 -0.49
CA PRO B 113 -8.05 5.84 0.85
C PRO B 113 -8.40 4.87 1.97
N TYR B 114 -9.00 3.73 1.63
CA TYR B 114 -9.41 2.72 2.61
C TYR B 114 -8.63 1.42 2.44
N LEU B 115 -7.54 1.49 1.68
CA LEU B 115 -6.76 0.30 1.37
C LEU B 115 -5.82 -0.04 2.51
N LEU B 116 -6.12 -1.13 3.21
CA LEU B 116 -5.33 -1.58 4.36
C LEU B 116 -3.90 -2.01 3.99
N ALA B 117 -3.05 -2.11 4.99
CA ALA B 117 -1.72 -2.68 4.80
C ALA B 117 -1.92 -4.11 4.30
N SER B 118 -0.95 -4.61 3.54
CA SER B 118 -1.01 -6.02 3.13
C SER B 118 -0.81 -6.96 4.32
N GLY B 119 0.11 -6.61 5.21
CA GLY B 119 0.41 -7.43 6.37
C GLY B 119 1.79 -7.19 6.97
N TYR B 120 2.12 -7.96 8.01
CA TYR B 120 3.41 -7.79 8.66
C TYR B 120 4.42 -8.84 8.21
N SER B 121 5.54 -8.38 7.66
CA SER B 121 6.58 -9.27 7.20
C SER B 121 7.55 -9.58 8.33
N HIS B 122 7.62 -10.84 8.75
CA HIS B 122 8.56 -11.26 9.79
CA HIS B 122 8.56 -11.22 9.79
C HIS B 122 9.99 -11.17 9.27
N ARG B 123 10.18 -11.55 8.02
CA ARG B 123 11.48 -11.48 7.37
C ARG B 123 12.07 -10.07 7.40
N LEU B 124 11.23 -9.07 7.11
CA LEU B 124 11.65 -7.67 7.04
C LEU B 124 11.30 -6.90 8.31
N ASP B 125 10.51 -7.49 9.18
CA ASP B 125 10.10 -6.81 10.39
C ASP B 125 9.40 -5.47 10.20
N CYS B 126 8.54 -5.38 9.20
CA CYS B 126 7.74 -4.19 8.98
C CYS B 126 6.37 -4.55 8.40
N THR B 127 5.46 -3.59 8.41
CA THR B 127 4.19 -3.75 7.74
C THR B 127 4.35 -3.25 6.30
N LEU B 128 3.81 -4.00 5.34
CA LEU B 128 3.96 -3.61 3.94
C LEU B 128 2.64 -3.13 3.39
N SER B 129 2.70 -2.44 2.25
CA SER B 129 1.52 -1.95 1.56
C SER B 129 1.00 -2.98 0.58
N GLN B 130 -0.30 -2.94 0.37
CA GLN B 130 -0.92 -3.66 -0.74
C GLN B 130 -0.63 -2.91 -2.03
N ARG B 131 -0.53 -3.64 -3.14
CA ARG B 131 -0.37 -3.02 -4.46
C ARG B 131 -1.42 -3.55 -5.39
N ILE B 132 -2.45 -2.74 -5.64
CA ILE B 132 -3.61 -3.22 -6.37
C ILE B 132 -3.72 -2.64 -7.76
N GLU B 133 -3.73 -3.51 -8.77
CA GLU B 133 -4.06 -3.08 -10.12
C GLU B 133 -5.46 -2.46 -10.13
N PRO B 134 -5.57 -1.23 -10.64
CA PRO B 134 -6.88 -0.56 -10.75
C PRO B 134 -7.94 -1.42 -11.45
N PHE B 135 -9.20 -1.28 -11.03
CA PHE B 135 -10.29 -1.96 -11.74
C PHE B 135 -10.55 -1.22 -13.04
N ASP B 136 -10.51 -1.97 -14.15
CA ASP B 136 -10.80 -1.42 -15.47
C ASP B 136 -12.28 -1.54 -15.76
N THR B 137 -12.91 -0.41 -16.08
CA THR B 137 -14.30 -0.40 -16.52
C THR B 137 -14.34 -0.82 -17.99
N THR B 138 -14.13 -2.11 -18.22
CA THR B 138 -13.97 -2.68 -19.56
C THR B 138 -13.93 -4.18 -19.40
N ASP B 139 -13.28 -4.60 -18.33
CA ASP B 139 -13.09 -6.01 -18.03
C ASP B 139 -14.07 -6.46 -16.96
N SER B 140 -14.54 -7.69 -17.09
CA SER B 140 -15.15 -8.39 -15.97
C SER B 140 -14.03 -8.89 -15.06
N LEU B 141 -14.38 -9.31 -13.84
CA LEU B 141 -13.42 -9.96 -12.96
C LEU B 141 -12.75 -11.11 -13.68
N TYR B 142 -13.50 -11.76 -14.56
CA TYR B 142 -12.98 -12.87 -15.37
C TYR B 142 -11.84 -12.42 -16.25
N ASP B 143 -11.99 -11.26 -16.90
CA ASP B 143 -10.92 -10.75 -17.75
C ASP B 143 -9.72 -10.47 -16.87
N ARG B 144 -9.96 -9.66 -15.83
CA ARG B 144 -8.92 -9.23 -14.92
C ARG B 144 -8.10 -10.41 -14.42
N LEU B 145 -8.79 -11.42 -13.90
CA LEU B 145 -8.12 -12.55 -13.27
C LEU B 145 -7.48 -13.49 -14.28
N LEU B 146 -8.03 -13.53 -15.49
CA LEU B 146 -7.45 -14.34 -16.56
C LEU B 146 -6.12 -13.76 -16.99
N ALA B 147 -6.08 -12.44 -17.17
CA ALA B 147 -4.89 -11.74 -17.65
C ALA B 147 -3.79 -11.61 -16.58
N ARG B 148 -4.17 -11.74 -15.31
CA ARG B 148 -3.22 -11.61 -14.23
C ARG B 148 -2.25 -12.77 -14.24
N LYS B 149 -0.96 -12.45 -14.14
CA LYS B 149 0.03 -13.46 -13.76
C LYS B 149 0.68 -13.01 -12.45
N GLY B 150 0.57 -13.85 -11.43
CA GLY B 150 1.04 -13.48 -10.11
C GLY B 150 2.55 -13.45 -10.01
N PRO B 151 3.08 -13.10 -8.82
CA PRO B 151 4.52 -13.00 -8.61
C PRO B 151 5.25 -14.32 -8.83
N LEU B 152 4.54 -15.43 -8.66
CA LEU B 152 5.14 -16.76 -8.81
C LEU B 152 4.86 -17.37 -10.17
N PHE B 153 4.44 -16.55 -11.13
CA PHE B 153 4.04 -17.05 -12.44
C PHE B 153 5.18 -17.78 -13.15
N GLY B 154 4.87 -18.97 -13.67
CA GLY B 154 5.85 -19.77 -14.37
C GLY B 154 6.46 -20.81 -13.45
N LYS B 155 6.92 -20.34 -12.29
CA LYS B 155 7.58 -21.18 -11.31
C LYS B 155 6.94 -22.56 -11.15
N LYS B 156 7.78 -23.59 -11.00
CA LYS B 156 7.32 -24.95 -10.81
C LYS B 156 7.65 -25.40 -9.40
N ILE B 157 6.62 -25.71 -8.61
CA ILE B 157 6.82 -26.03 -7.21
C ILE B 157 6.45 -27.48 -6.88
N LEU B 158 7.35 -28.16 -6.18
CA LEU B 158 7.08 -29.48 -5.68
C LEU B 158 6.70 -29.37 -4.21
N PHE B 159 5.45 -29.69 -3.91
CA PHE B 159 4.99 -29.69 -2.53
C PHE B 159 4.98 -31.13 -2.04
N ILE B 160 5.86 -31.43 -1.09
CA ILE B 160 5.97 -32.77 -0.55
C ILE B 160 4.97 -32.99 0.57
N ILE B 161 4.01 -33.89 0.34
CA ILE B 161 3.04 -34.26 1.36
C ILE B 161 2.84 -35.76 1.45
N PRO B 162 3.46 -36.38 2.48
CA PRO B 162 3.05 -37.74 2.92
C PRO B 162 1.55 -37.78 3.26
N GLU B 175 -7.18 -33.13 8.68
CA GLU B 175 -7.02 -31.95 9.53
C GLU B 175 -5.81 -31.12 9.14
N GLN B 176 -4.64 -31.74 9.22
CA GLN B 176 -3.40 -31.07 8.84
C GLN B 176 -3.31 -31.03 7.31
N GLY B 177 -3.91 -32.02 6.67
CA GLY B 177 -3.90 -32.14 5.22
C GLY B 177 -4.58 -30.99 4.52
N GLN B 178 -5.61 -30.43 5.16
CA GLN B 178 -6.32 -29.27 4.61
C GLN B 178 -5.45 -28.01 4.69
N LYS B 179 -4.62 -27.94 5.73
CA LYS B 179 -3.68 -26.83 5.89
C LYS B 179 -2.71 -26.80 4.71
N ALA B 180 -2.22 -27.98 4.35
CA ALA B 180 -1.35 -28.10 3.19
C ALA B 180 -2.09 -27.66 1.93
N LEU B 181 -3.30 -28.17 1.74
CA LEU B 181 -4.04 -27.84 0.52
C LEU B 181 -4.17 -26.34 0.37
N ALA B 182 -4.38 -25.65 1.48
CA ALA B 182 -4.48 -24.18 1.47
C ALA B 182 -3.19 -23.51 0.99
N HIS B 183 -2.03 -24.03 1.41
CA HIS B 183 -0.76 -23.49 0.95
C HIS B 183 -0.58 -23.70 -0.55
N VAL B 184 -0.99 -24.88 -1.02
CA VAL B 184 -0.96 -25.21 -2.44
C VAL B 184 -1.87 -24.25 -3.20
N TYR B 185 -3.05 -24.03 -2.64
CA TYR B 185 -4.02 -23.17 -3.28
C TYR B 185 -3.44 -21.76 -3.43
N HIS B 186 -2.77 -21.26 -2.39
CA HIS B 186 -2.18 -19.93 -2.45
C HIS B 186 -1.07 -19.85 -3.50
N ALA B 187 -0.21 -20.87 -3.53
CA ALA B 187 0.86 -20.90 -4.52
C ALA B 187 0.31 -20.91 -5.95
N LEU B 188 -0.75 -21.70 -6.18
CA LEU B 188 -1.42 -21.71 -7.48
C LEU B 188 -2.01 -20.33 -7.79
N ALA B 189 -2.67 -19.73 -6.79
CA ALA B 189 -3.28 -18.43 -6.99
C ALA B 189 -2.25 -17.37 -7.34
N LEU B 190 -1.02 -17.54 -6.84
CA LEU B 190 0.06 -16.61 -7.17
C LEU B 190 0.70 -16.91 -8.53
N GLY B 191 0.20 -17.94 -9.20
CA GLY B 191 0.59 -18.18 -10.58
C GLY B 191 1.63 -19.27 -10.78
N ALA B 192 1.89 -20.05 -9.74
CA ALA B 192 2.80 -21.19 -9.85
C ALA B 192 2.04 -22.46 -10.20
N ASP B 193 2.76 -23.40 -10.80
CA ASP B 193 2.25 -24.75 -10.99
C ASP B 193 2.79 -25.58 -9.86
N VAL B 194 2.01 -26.54 -9.38
CA VAL B 194 2.41 -27.31 -8.21
C VAL B 194 2.13 -28.79 -8.37
N GLU B 195 3.15 -29.59 -8.09
CA GLU B 195 3.01 -31.04 -8.12
C GLU B 195 3.13 -31.57 -6.70
N ILE B 196 2.09 -32.27 -6.25
CA ILE B 196 2.09 -32.85 -4.91
C ILE B 196 2.65 -34.28 -4.94
N ARG B 197 3.76 -34.48 -4.23
CA ARG B 197 4.43 -35.77 -4.20
C ARG B 197 4.89 -36.10 -2.77
N PRO B 198 5.36 -37.34 -2.54
CA PRO B 198 5.90 -37.74 -1.24
C PRO B 198 7.42 -37.64 -1.22
N ASN B 199 8.01 -37.50 -2.40
CA ASN B 199 9.46 -37.45 -2.52
C ASN B 199 9.90 -36.64 -3.73
N VAL B 200 11.09 -36.07 -3.68
CA VAL B 200 11.62 -35.30 -4.81
C VAL B 200 11.74 -36.20 -6.03
N ALA B 201 12.15 -37.44 -5.80
CA ALA B 201 12.25 -38.43 -6.88
C ALA B 201 13.10 -37.93 -8.04
N HIS B 202 14.12 -37.12 -7.72
CA HIS B 202 15.02 -36.58 -8.73
C HIS B 202 14.34 -35.67 -9.76
N LEU B 203 13.13 -35.19 -9.44
CA LEU B 203 12.37 -34.39 -10.40
C LEU B 203 12.89 -32.98 -10.57
N GLU B 204 12.86 -32.49 -11.81
CA GLU B 204 13.25 -31.11 -12.09
C GLU B 204 12.39 -30.17 -11.26
N CYS B 205 12.98 -29.08 -10.78
CA CYS B 205 12.32 -28.25 -9.79
C CYS B 205 12.77 -26.79 -9.78
N ASP B 206 11.80 -25.89 -9.60
CA ASP B 206 12.09 -24.48 -9.39
C ASP B 206 12.18 -24.19 -7.91
N LEU B 207 11.36 -24.89 -7.14
CA LEU B 207 11.25 -24.63 -5.71
C LEU B 207 10.53 -25.80 -5.03
N ILE B 208 11.00 -26.20 -3.86
CA ILE B 208 10.37 -27.29 -3.10
C ILE B 208 9.75 -26.78 -1.81
N LEU B 209 8.51 -27.17 -1.55
CA LEU B 209 7.79 -26.78 -0.36
C LEU B 209 7.47 -27.97 0.52
N THR B 210 7.76 -27.87 1.81
CA THR B 210 7.32 -28.87 2.76
C THR B 210 6.67 -28.25 3.98
N MET B 211 5.81 -29.01 4.65
CA MET B 211 5.33 -28.62 5.95
C MET B 211 6.47 -28.87 6.94
N ASP B 212 7.41 -29.71 6.52
CA ASP B 212 8.71 -29.93 7.16
C ASP B 212 9.05 -31.39 7.44
N GLY B 213 8.53 -32.29 6.62
CA GLY B 213 8.86 -33.70 6.73
C GLY B 213 10.36 -33.87 6.83
N THR B 219 16.34 -31.77 -2.73
CA THR B 219 17.79 -31.93 -2.76
C THR B 219 18.45 -31.18 -3.91
N ASN B 220 17.71 -30.22 -4.49
CA ASN B 220 18.26 -29.40 -5.58
C ASN B 220 17.27 -28.36 -6.15
N CYS B 221 16.77 -27.45 -5.32
CA CYS B 221 15.76 -26.49 -5.80
C CYS B 221 15.87 -25.01 -5.36
N PRO B 222 15.95 -24.73 -4.04
CA PRO B 222 15.98 -25.57 -2.85
C PRO B 222 14.66 -25.60 -2.09
N VAL B 223 14.74 -25.83 -0.78
CA VAL B 223 13.57 -26.07 0.06
C VAL B 223 13.13 -24.82 0.80
N VAL B 224 11.86 -24.80 1.20
CA VAL B 224 11.29 -23.67 1.92
C VAL B 224 9.97 -24.07 2.59
N ASP B 225 9.60 -23.36 3.66
CA ASP B 225 8.37 -23.67 4.37
C ASP B 225 7.23 -22.70 4.01
N PRO B 226 6.02 -22.97 4.51
CA PRO B 226 4.84 -22.17 4.15
C PRO B 226 4.95 -20.67 4.51
N GLU B 227 5.78 -20.34 5.49
CA GLU B 227 5.97 -18.95 5.85
C GLU B 227 6.48 -18.18 4.64
N TRP B 228 7.28 -18.86 3.83
CA TRP B 228 7.78 -18.30 2.60
C TRP B 228 6.62 -17.85 1.72
N ILE B 229 5.60 -18.70 1.62
CA ILE B 229 4.42 -18.39 0.83
C ILE B 229 3.77 -17.10 1.31
N VAL B 230 3.65 -16.96 2.63
CA VAL B 230 2.98 -15.81 3.22
C VAL B 230 3.78 -14.54 2.93
N GLU B 231 5.11 -14.62 3.05
CA GLU B 231 5.95 -13.49 2.66
C GLU B 231 5.68 -13.10 1.20
N CYS B 232 5.62 -14.08 0.32
CA CYS B 232 5.24 -13.81 -1.07
C CYS B 232 3.87 -13.12 -1.17
N LEU B 233 2.91 -13.57 -0.37
CA LEU B 233 1.56 -13.00 -0.38
C LEU B 233 1.55 -11.56 0.10
N ILE B 234 2.24 -11.32 1.21
CA ILE B 234 2.28 -10.00 1.82
C ILE B 234 3.08 -9.01 0.96
N SER B 235 4.11 -9.49 0.30
CA SER B 235 4.99 -8.61 -0.46
C SER B 235 4.68 -8.60 -1.95
N GLN B 236 3.74 -9.47 -2.36
CA GLN B 236 3.42 -9.65 -3.77
C GLN B 236 4.69 -9.73 -4.61
N SER B 237 5.60 -10.59 -4.18
CA SER B 237 6.83 -10.80 -4.93
C SER B 237 7.30 -12.22 -4.76
N ASP B 238 8.29 -12.60 -5.57
CA ASP B 238 8.94 -13.88 -5.39
C ASP B 238 10.16 -13.59 -4.52
N ILE B 239 10.09 -13.94 -3.25
CA ILE B 239 11.11 -13.48 -2.30
C ILE B 239 12.40 -14.29 -2.39
N SER B 240 12.31 -15.48 -2.96
CA SER B 240 13.50 -16.30 -3.20
C SER B 240 14.51 -15.55 -4.07
N THR B 241 14.03 -14.56 -4.82
CA THR B 241 14.91 -13.72 -5.63
C THR B 241 16.05 -13.17 -4.78
PR PR C . 22.47 9.91 -15.15
PR PR D . 20.30 4.64 19.02
PR PR E . 22.10 1.14 19.27
#